data_6E6A
#
_entry.id   6E6A
#
_cell.length_a   41.022
_cell.length_b   43.533
_cell.length_c   45.783
_cell.angle_alpha   92.93
_cell.angle_beta   95.96
_cell.angle_gamma   93.91
#
_symmetry.space_group_name_H-M   'P 1'
#
loop_
_entity.id
_entity.type
_entity.pdbx_description
1 polymer 'Inclusion membrane protein A'
2 non-polymer 'SODIUM ION'
3 water water
#
_entity_poly.entity_id   1
_entity_poly.type   'polypeptide(L)'
_entity_poly.pdbx_seq_one_letter_code
;ATANLHLYQDLQREVGSLKEINFMLSVLQKEFLHLSKEFATTSKDLSAVSQDFYSCLQAFRDNYKGFESLLDEYKNSTEE
MRKLFSQEIIADLKGSVASLREEIRFLTPLAEEVRRLAHNQQSLTAAIEELKTIRDSLRDEIGQLSQLSKTLTSQIALQR
KLEHHHHHH
;
_entity_poly.pdbx_strand_id   B,A
#
loop_
_chem_comp.id
_chem_comp.type
_chem_comp.name
_chem_comp.formula
NA non-polymer 'SODIUM ION' 'Na 1'
#
# COMPACT_ATOMS: atom_id res chain seq x y z
N HIS A 6 26.83 -21.36 -0.86
CA HIS A 6 26.34 -21.80 0.43
C HIS A 6 26.09 -20.63 1.37
N LEU A 7 26.89 -19.57 1.28
CA LEU A 7 26.60 -18.35 2.03
C LEU A 7 25.28 -17.73 1.62
N TYR A 8 25.03 -17.63 0.31
CA TYR A 8 23.80 -17.01 -0.14
C TYR A 8 22.56 -17.83 0.21
N GLN A 9 22.67 -19.14 0.04
CA GLN A 9 21.58 -20.07 0.41
C GLN A 9 21.38 -20.02 1.93
N ASP A 10 22.45 -19.76 2.67
CA ASP A 10 22.34 -19.69 4.15
C ASP A 10 21.62 -18.41 4.56
N LEU A 11 22.08 -17.26 4.11
CA LEU A 11 21.42 -15.97 4.46
C LEU A 11 20.00 -15.96 3.90
N GLN A 12 19.78 -16.47 2.70
CA GLN A 12 18.44 -16.40 2.11
C GLN A 12 17.47 -17.21 2.94
N ARG A 13 17.88 -18.39 3.36
CA ARG A 13 17.08 -19.19 4.27
C ARG A 13 16.82 -18.42 5.55
N GLU A 14 17.86 -17.78 6.12
CA GLU A 14 17.65 -17.04 7.36
C GLU A 14 16.61 -15.91 7.19
N VAL A 15 16.79 -15.06 6.18
CA VAL A 15 15.88 -13.91 6.02
C VAL A 15 14.52 -14.31 5.46
N GLY A 16 14.44 -15.33 4.62
CA GLY A 16 13.16 -15.74 4.08
C GLY A 16 12.74 -14.87 2.91
N SER A 17 11.46 -15.01 2.55
CA SER A 17 10.86 -14.28 1.43
C SER A 17 10.62 -12.80 1.77
N LEU A 18 11.40 -11.91 1.13
CA LEU A 18 11.13 -10.47 1.26
C LEU A 18 9.82 -10.09 0.56
N LYS A 19 9.47 -10.77 -0.53
CA LYS A 19 8.20 -10.48 -1.20
C LYS A 19 7.03 -10.73 -0.26
N GLU A 20 7.12 -11.75 0.60
CA GLU A 20 6.06 -12.02 1.56
C GLU A 20 5.89 -10.84 2.51
N ILE A 21 6.99 -10.30 3.03
CA ILE A 21 6.93 -9.13 3.91
C ILE A 21 6.32 -7.94 3.18
N ASN A 22 6.78 -7.70 1.95
CA ASN A 22 6.25 -6.57 1.19
C ASN A 22 4.73 -6.66 1.03
N PHE A 23 4.23 -7.85 0.71
CA PHE A 23 2.80 -8.04 0.55
C PHE A 23 2.05 -7.87 1.88
N MET A 24 2.57 -8.47 2.95
CA MET A 24 1.87 -8.38 4.22
C MET A 24 1.82 -6.94 4.73
N LEU A 25 2.91 -6.18 4.51
CA LEU A 25 2.90 -4.79 4.92
C LEU A 25 1.96 -3.95 4.07
N SER A 26 1.83 -4.28 2.77
CA SER A 26 0.82 -3.62 1.95
C SER A 26 -0.58 -3.84 2.52
N VAL A 27 -0.89 -5.07 2.91
CA VAL A 27 -2.19 -5.36 3.52
C VAL A 27 -2.38 -4.57 4.83
N LEU A 28 -1.37 -4.62 5.71
CA LEU A 28 -1.53 -4.07 7.06
C LEU A 28 -1.55 -2.54 7.06
N GLN A 29 -0.78 -1.88 6.19
CA GLN A 29 -0.80 -0.42 6.17
C GLN A 29 -2.19 0.11 5.84
N LYS A 30 -2.88 -0.53 4.89
CA LYS A 30 -4.24 -0.12 4.56
C LYS A 30 -5.24 -0.53 5.65
N GLU A 31 -5.05 -1.70 6.26
CA GLU A 31 -5.91 -2.09 7.38
C GLU A 31 -5.88 -1.04 8.48
N PHE A 32 -4.69 -0.52 8.78
CA PHE A 32 -4.61 0.46 9.85
C PHE A 32 -5.01 1.87 9.40
N LEU A 33 -4.82 2.22 8.11
CA LEU A 33 -5.42 3.49 7.65
C LEU A 33 -6.95 3.44 7.75
N HIS A 34 -7.55 2.30 7.35
CA HIS A 34 -8.98 2.08 7.55
C HIS A 34 -9.37 2.24 9.01
N LEU A 35 -8.64 1.57 9.90
CA LEU A 35 -8.91 1.68 11.33
C LEU A 35 -8.86 3.13 11.79
N SER A 36 -7.89 3.89 11.27
CA SER A 36 -7.74 5.29 11.64
C SER A 36 -8.96 6.12 11.24
N LYS A 37 -9.56 5.82 10.07
CA LYS A 37 -10.77 6.55 9.71
C LYS A 37 -11.96 6.11 10.55
N GLU A 38 -12.04 4.82 10.87
CA GLU A 38 -13.16 4.32 11.68
C GLU A 38 -13.22 4.97 13.05
N PHE A 39 -12.06 5.29 13.64
CA PHE A 39 -12.02 5.77 15.02
C PHE A 39 -11.70 7.25 15.13
N ALA A 40 -11.77 8.00 14.03
CA ALA A 40 -11.39 9.41 14.05
C ALA A 40 -12.24 10.20 15.04
N THR A 41 -13.53 9.88 15.12
CA THR A 41 -14.44 10.53 16.05
C THR A 41 -14.63 9.77 17.36
N THR A 42 -13.96 8.63 17.55
CA THR A 42 -14.08 7.86 18.78
C THR A 42 -12.86 7.98 19.68
N SER A 43 -11.66 7.81 19.13
CA SER A 43 -10.43 7.93 19.91
C SER A 43 -9.42 8.63 18.99
N LYS A 44 -9.28 9.94 19.17
CA LYS A 44 -8.17 10.69 18.57
C LYS A 44 -6.84 9.94 18.67
N ASP A 45 -6.50 9.48 19.87
CA ASP A 45 -5.19 8.88 20.13
C ASP A 45 -4.98 7.63 19.28
N LEU A 46 -5.99 6.76 19.25
CA LEU A 46 -5.91 5.52 18.47
C LEU A 46 -5.88 5.83 16.99
N SER A 47 -6.70 6.81 16.57
CA SER A 47 -6.70 7.21 15.15
C SER A 47 -5.33 7.71 14.71
N ALA A 48 -4.66 8.49 15.56
CA ALA A 48 -3.35 9.02 15.20
C ALA A 48 -2.32 7.91 15.07
N VAL A 49 -2.27 6.98 16.04
CA VAL A 49 -1.27 5.91 15.92
C VAL A 49 -1.57 5.01 14.71
N SER A 50 -2.85 4.69 14.49
CA SER A 50 -3.21 3.84 13.36
C SER A 50 -2.81 4.51 12.04
N GLN A 51 -3.03 5.83 11.93
CA GLN A 51 -2.64 6.54 10.70
C GLN A 51 -1.13 6.53 10.53
N ASP A 52 -0.39 6.64 11.64
CA ASP A 52 1.08 6.64 11.58
C ASP A 52 1.60 5.36 10.94
N PHE A 53 0.90 4.25 11.19
CA PHE A 53 1.35 2.97 10.64
C PHE A 53 1.45 2.97 9.11
N TYR A 54 0.65 3.77 8.41
CA TYR A 54 0.73 3.73 6.95
C TYR A 54 2.12 4.11 6.45
N SER A 55 2.61 5.30 6.82
CA SER A 55 3.95 5.71 6.37
C SER A 55 5.03 4.85 6.99
N CYS A 56 4.86 4.44 8.26
CA CYS A 56 5.85 3.55 8.88
C CYS A 56 6.08 2.28 8.05
N LEU A 57 4.99 1.61 7.65
CA LEU A 57 5.12 0.40 6.84
C LEU A 57 5.50 0.69 5.39
N GLN A 58 5.06 1.83 4.86
CA GLN A 58 5.41 2.23 3.50
C GLN A 58 6.91 2.31 3.31
N ALA A 59 7.64 2.73 4.34
CA ALA A 59 9.11 2.81 4.20
C ALA A 59 9.71 1.46 3.74
N PHE A 60 9.18 0.33 4.22
CA PHE A 60 9.71 -0.95 3.75
C PHE A 60 9.44 -1.15 2.26
N ARG A 61 8.23 -0.82 1.81
CA ARG A 61 7.87 -0.97 0.40
C ARG A 61 8.72 -0.07 -0.49
N ASP A 62 8.98 1.16 -0.03
CA ASP A 62 9.84 2.07 -0.80
C ASP A 62 11.20 1.42 -1.06
N ASN A 63 11.74 0.73 -0.06
CA ASN A 63 13.04 0.09 -0.08
C ASN A 63 13.04 -1.35 -0.61
N TYR A 64 11.88 -1.90 -0.98
CA TYR A 64 11.81 -3.34 -1.28
C TYR A 64 12.70 -3.75 -2.46
N LYS A 65 12.62 -3.04 -3.59
CA LYS A 65 13.49 -3.34 -4.72
C LYS A 65 14.96 -3.30 -4.31
N GLY A 66 15.34 -2.30 -3.51
CA GLY A 66 16.72 -2.22 -3.05
C GLY A 66 17.14 -3.43 -2.21
N PHE A 67 16.23 -3.94 -1.38
CA PHE A 67 16.58 -5.10 -0.55
C PHE A 67 16.78 -6.34 -1.41
N GLU A 68 15.87 -6.54 -2.39
CA GLU A 68 16.03 -7.69 -3.29
C GLU A 68 17.33 -7.58 -4.07
N SER A 69 17.67 -6.36 -4.52
CA SER A 69 18.90 -6.14 -5.25
C SER A 69 20.12 -6.47 -4.40
N LEU A 70 20.08 -6.09 -3.12
CA LEU A 70 21.18 -6.39 -2.21
C LEU A 70 21.36 -7.89 -2.04
N LEU A 71 20.26 -8.63 -1.86
CA LEU A 71 20.37 -10.09 -1.75
C LEU A 71 20.98 -10.69 -3.01
N ASP A 72 20.54 -10.22 -4.17
CA ASP A 72 21.10 -10.70 -5.43
C ASP A 72 22.60 -10.41 -5.52
N GLU A 73 23.03 -9.21 -5.11
CA GLU A 73 24.44 -8.88 -5.12
C GLU A 73 25.23 -9.82 -4.23
N TYR A 74 24.69 -10.16 -3.05
CA TYR A 74 25.38 -11.11 -2.19
C TYR A 74 25.44 -12.49 -2.84
N LYS A 75 24.38 -12.86 -3.56
CA LYS A 75 24.33 -14.15 -4.26
C LYS A 75 25.47 -14.26 -5.26
N ASN A 76 25.71 -13.20 -6.05
CA ASN A 76 26.75 -13.20 -7.07
C ASN A 76 28.00 -12.46 -6.61
N SER A 77 28.40 -12.61 -5.36
CA SER A 77 29.45 -11.76 -4.84
C SER A 77 30.81 -12.29 -5.27
N THR A 78 31.78 -11.38 -5.33
CA THR A 78 33.18 -11.69 -5.52
C THR A 78 33.92 -11.67 -4.19
N GLU A 79 35.17 -12.11 -4.21
CA GLU A 79 35.99 -12.06 -2.99
C GLU A 79 36.09 -10.64 -2.47
N GLU A 80 36.20 -9.66 -3.37
CA GLU A 80 36.29 -8.26 -2.94
C GLU A 80 34.96 -7.74 -2.40
N MET A 81 33.84 -8.16 -3.00
CA MET A 81 32.54 -7.71 -2.52
C MET A 81 32.23 -8.28 -1.13
N ARG A 82 32.54 -9.56 -0.90
CA ARG A 82 32.23 -10.19 0.38
C ARG A 82 32.87 -9.45 1.54
N LYS A 83 33.98 -8.74 1.31
CA LYS A 83 34.58 -7.99 2.41
C LYS A 83 33.67 -6.86 2.86
N LEU A 84 32.84 -6.33 1.94
CA LEU A 84 31.87 -5.32 2.35
C LEU A 84 30.74 -5.94 3.18
N PHE A 85 30.46 -7.22 2.97
CA PHE A 85 29.43 -7.93 3.74
C PHE A 85 30.03 -8.49 5.03
N SER A 86 30.31 -7.57 5.95
CA SER A 86 30.98 -7.96 7.18
C SER A 86 30.03 -8.78 8.06
N GLN A 87 30.60 -9.43 9.06
CA GLN A 87 29.78 -10.24 9.96
C GLN A 87 28.82 -9.36 10.75
N GLU A 88 29.27 -8.19 11.18
CA GLU A 88 28.38 -7.22 11.83
C GLU A 88 27.19 -6.88 10.93
N ILE A 89 27.46 -6.59 9.66
CA ILE A 89 26.40 -6.16 8.75
C ILE A 89 25.43 -7.31 8.47
N ILE A 90 25.96 -8.52 8.25
CA ILE A 90 25.11 -9.69 8.04
C ILE A 90 24.22 -9.93 9.26
N ALA A 91 24.80 -9.77 10.45
CA ALA A 91 24.02 -9.96 11.67
C ALA A 91 22.92 -8.89 11.79
N ASP A 92 23.24 -7.64 11.42
CA ASP A 92 22.24 -6.59 11.45
C ASP A 92 21.09 -6.88 10.48
N LEU A 93 21.43 -7.31 9.26
CA LEU A 93 20.40 -7.71 8.30
C LEU A 93 19.50 -8.79 8.88
N LYS A 94 20.10 -9.89 9.34
CA LYS A 94 19.34 -11.02 9.86
C LYS A 94 18.46 -10.59 11.03
N GLY A 95 18.99 -9.78 11.93
CA GLY A 95 18.26 -9.47 13.14
C GLY A 95 17.15 -8.47 12.88
N SER A 96 17.35 -7.53 11.94
CA SER A 96 16.26 -6.62 11.63
C SER A 96 15.14 -7.32 10.89
N VAL A 97 15.46 -8.24 9.97
CA VAL A 97 14.38 -8.96 9.28
C VAL A 97 13.63 -9.86 10.27
N ALA A 98 14.36 -10.54 11.16
CA ALA A 98 13.69 -11.35 12.17
C ALA A 98 12.79 -10.48 13.06
N SER A 99 13.27 -9.28 13.41
CA SER A 99 12.46 -8.35 14.19
C SER A 99 11.18 -7.99 13.44
N LEU A 100 11.29 -7.71 12.14
CA LEU A 100 10.09 -7.39 11.37
C LEU A 100 9.07 -8.52 11.44
N ARG A 101 9.53 -9.76 11.26
CA ARG A 101 8.59 -10.88 11.30
C ARG A 101 7.91 -11.00 12.67
N GLU A 102 8.69 -10.88 13.76
CA GLU A 102 8.09 -11.01 15.09
C GLU A 102 7.11 -9.86 15.39
N GLU A 103 7.46 -8.65 14.96
CA GLU A 103 6.57 -7.50 15.17
C GLU A 103 5.27 -7.67 14.41
N ILE A 104 5.35 -8.17 13.17
CA ILE A 104 4.14 -8.41 12.38
C ILE A 104 3.24 -9.43 13.07
N ARG A 105 3.85 -10.48 13.63
CA ARG A 105 3.06 -11.45 14.40
C ARG A 105 2.26 -10.76 15.49
N PHE A 106 2.89 -9.81 16.21
CA PHE A 106 2.15 -9.08 17.23
C PHE A 106 1.11 -8.12 16.63
N LEU A 107 1.44 -7.48 15.51
CA LEU A 107 0.60 -6.39 14.99
C LEU A 107 -0.68 -6.90 14.35
N THR A 108 -0.64 -8.07 13.73
CA THR A 108 -1.78 -8.54 12.93
C THR A 108 -3.11 -8.59 13.68
N PRO A 109 -3.23 -9.19 14.88
CA PRO A 109 -4.56 -9.28 15.51
C PRO A 109 -5.06 -8.00 16.17
N LEU A 110 -4.25 -6.95 16.21
CA LEU A 110 -4.63 -5.78 17.00
C LEU A 110 -5.71 -4.95 16.32
N ALA A 111 -5.81 -4.95 14.99
CA ALA A 111 -6.86 -4.16 14.37
C ALA A 111 -8.24 -4.67 14.79
N GLU A 112 -8.44 -5.98 14.68
CA GLU A 112 -9.72 -6.60 15.10
C GLU A 112 -9.87 -6.47 16.63
N GLU A 113 -8.76 -6.59 17.37
CA GLU A 113 -8.88 -6.47 18.82
C GLU A 113 -9.38 -5.09 19.23
N VAL A 114 -8.90 -4.05 18.57
CA VAL A 114 -9.37 -2.69 18.84
C VAL A 114 -10.85 -2.55 18.46
N ARG A 115 -11.22 -3.13 17.32
CA ARG A 115 -12.64 -3.05 16.87
C ARG A 115 -13.53 -3.73 17.93
N ARG A 116 -13.11 -4.89 18.41
CA ARG A 116 -13.86 -5.65 19.41
C ARG A 116 -13.98 -4.88 20.71
N LEU A 117 -12.86 -4.33 21.19
CA LEU A 117 -12.88 -3.56 22.44
C LEU A 117 -13.81 -2.37 22.34
N ALA A 118 -13.75 -1.64 21.22
CA ALA A 118 -14.58 -0.47 21.05
C ALA A 118 -16.06 -0.82 21.02
N HIS A 119 -16.42 -1.92 20.36
CA HIS A 119 -17.83 -2.33 20.35
C HIS A 119 -18.36 -2.52 21.77
N ASN A 120 -17.63 -3.24 22.61
CA ASN A 120 -18.11 -3.55 23.98
C ASN A 120 -17.74 -2.45 24.96
N GLN A 121 -17.42 -1.25 24.43
CA GLN A 121 -17.06 -0.04 25.21
C GLN A 121 -15.89 -0.28 26.17
N GLN A 122 -14.97 -1.19 25.84
CA GLN A 122 -13.83 -1.49 26.74
C GLN A 122 -12.69 -0.48 26.51
N SER A 123 -11.78 -0.39 27.49
CA SER A 123 -10.65 0.53 27.44
C SER A 123 -9.72 0.19 26.28
N LEU A 124 -9.27 1.24 25.57
CA LEU A 124 -8.33 1.11 24.47
C LEU A 124 -6.90 1.39 24.87
N THR A 125 -6.64 1.62 26.16
CA THR A 125 -5.35 2.11 26.61
C THR A 125 -4.21 1.15 26.29
N ALA A 126 -4.36 -0.12 26.68
CA ALA A 126 -3.30 -1.10 26.46
C ALA A 126 -3.07 -1.33 24.96
N ALA A 127 -4.15 -1.38 24.18
CA ALA A 127 -4.01 -1.55 22.73
C ALA A 127 -3.23 -0.40 22.12
N ILE A 128 -3.54 0.84 22.54
CA ILE A 128 -2.84 2.01 22.01
C ILE A 128 -1.37 1.97 22.40
N GLU A 129 -1.08 1.60 23.65
CA GLU A 129 0.31 1.50 24.09
C GLU A 129 1.08 0.44 23.30
N GLU A 130 0.46 -0.72 23.07
CA GLU A 130 1.13 -1.75 22.28
C GLU A 130 1.34 -1.29 20.86
N LEU A 131 0.35 -0.60 20.28
CA LEU A 131 0.50 -0.13 18.90
C LEU A 131 1.59 0.92 18.79
N LYS A 132 1.71 1.81 19.79
CA LYS A 132 2.81 2.78 19.81
C LYS A 132 4.16 2.07 19.91
N THR A 133 4.27 1.06 20.77
CA THR A 133 5.53 0.34 20.91
C THR A 133 5.92 -0.37 19.62
N ILE A 134 4.94 -1.02 18.97
CA ILE A 134 5.21 -1.71 17.70
C ILE A 134 5.59 -0.71 16.61
N ARG A 135 4.86 0.41 16.51
CA ARG A 135 5.19 1.42 15.53
C ARG A 135 6.62 1.91 15.70
N ASP A 136 7.01 2.28 16.92
CA ASP A 136 8.37 2.77 17.15
C ASP A 136 9.40 1.71 16.83
N SER A 137 9.14 0.46 17.20
CA SER A 137 10.10 -0.61 16.92
C SER A 137 10.26 -0.80 15.42
N LEU A 138 9.14 -0.86 14.69
CA LEU A 138 9.19 -1.02 13.24
C LEU A 138 9.89 0.17 12.57
N ARG A 139 9.63 1.39 13.04
CA ARG A 139 10.32 2.53 12.48
C ARG A 139 11.83 2.36 12.63
N ASP A 140 12.26 1.95 13.82
CA ASP A 140 13.69 1.71 14.07
C ASP A 140 14.24 0.63 13.14
N GLU A 141 13.57 -0.52 13.06
CA GLU A 141 14.14 -1.64 12.32
C GLU A 141 14.08 -1.44 10.81
N ILE A 142 12.97 -0.90 10.29
CA ILE A 142 12.90 -0.61 8.86
C ILE A 142 13.91 0.47 8.50
N GLY A 143 14.12 1.46 9.38
CA GLY A 143 15.12 2.47 9.10
C GLY A 143 16.53 1.93 9.11
N GLN A 144 16.83 1.03 10.06
CA GLN A 144 18.13 0.37 10.07
C GLN A 144 18.35 -0.46 8.81
N LEU A 145 17.33 -1.22 8.39
CA LEU A 145 17.46 -2.00 7.17
C LEU A 145 17.66 -1.11 5.97
N SER A 146 16.90 -0.03 5.91
CA SER A 146 16.97 0.95 4.79
C SER A 146 18.39 1.51 4.68
N GLN A 147 18.93 2.02 5.77
CA GLN A 147 20.29 2.63 5.79
C GLN A 147 21.33 1.56 5.44
N LEU A 148 21.23 0.38 6.03
CA LEU A 148 22.17 -0.73 5.77
C LEU A 148 22.19 -1.02 4.27
N SER A 149 21.03 -1.26 3.67
CA SER A 149 20.96 -1.52 2.24
C SER A 149 21.51 -0.37 1.42
N LYS A 150 21.14 0.87 1.76
CA LYS A 150 21.57 2.02 0.97
C LYS A 150 23.09 2.15 0.99
N THR A 151 23.68 2.08 2.18
CA THR A 151 25.14 2.17 2.31
C THR A 151 25.82 1.04 1.55
N LEU A 152 25.37 -0.20 1.75
CA LEU A 152 26.03 -1.33 1.09
C LEU A 152 25.95 -1.21 -0.43
N THR A 153 24.78 -0.85 -0.96
CA THR A 153 24.67 -0.76 -2.41
C THR A 153 25.57 0.34 -2.96
N SER A 154 25.65 1.47 -2.26
CA SER A 154 26.57 2.52 -2.70
C SER A 154 28.02 2.07 -2.64
N GLN A 155 28.41 1.35 -1.59
CA GLN A 155 29.77 0.85 -1.47
C GLN A 155 30.09 -0.14 -2.59
N ILE A 156 29.16 -1.02 -2.90
CA ILE A 156 29.35 -1.99 -3.98
C ILE A 156 29.53 -1.26 -5.31
N ALA A 157 28.69 -0.25 -5.56
CA ALA A 157 28.79 0.51 -6.80
C ALA A 157 30.12 1.23 -6.92
N LEU A 158 30.60 1.80 -5.83
CA LEU A 158 31.89 2.48 -5.86
C LEU A 158 33.04 1.50 -6.08
N GLN A 159 33.00 0.34 -5.41
CA GLN A 159 34.03 -0.67 -5.61
C GLN A 159 34.09 -1.14 -7.06
N ARG A 160 32.92 -1.35 -7.68
CA ARG A 160 32.87 -1.76 -9.08
C ARG A 160 33.38 -0.65 -10.00
N LYS A 161 32.98 0.59 -9.71
CA LYS A 161 33.46 1.72 -10.50
C LYS A 161 34.97 1.83 -10.44
N LEU A 162 35.56 1.49 -9.29
CA LEU A 162 37.00 1.61 -9.17
C LEU A 162 37.71 0.44 -9.81
N GLU A 163 37.00 -0.67 -10.00
CA GLU A 163 37.51 -1.82 -10.76
C GLU A 163 37.36 -1.65 -12.27
N HIS A 164 36.53 -0.72 -12.73
CA HIS A 164 36.29 -0.52 -14.16
C HIS A 164 37.56 -0.41 -15.03
N HIS A 165 38.70 0.00 -14.47
CA HIS A 165 39.91 0.17 -15.28
C HIS A 165 40.42 -1.14 -15.90
N HIS A 166 40.06 -2.29 -15.35
CA HIS A 166 40.52 -3.56 -15.89
C HIS A 166 39.92 -3.88 -17.26
N ASN B 4 -26.94 17.18 7.14
CA ASN B 4 -25.74 17.84 7.72
C ASN B 4 -24.85 18.35 6.57
N LEU B 5 -24.52 19.64 6.61
CA LEU B 5 -23.67 20.28 5.55
C LEU B 5 -22.26 19.67 5.56
N HIS B 6 -21.70 19.39 6.74
CA HIS B 6 -20.34 18.81 6.80
C HIS B 6 -20.33 17.43 6.11
N LEU B 7 -21.39 16.64 6.31
CA LEU B 7 -21.48 15.31 5.66
C LEU B 7 -21.52 15.50 4.14
N TYR B 8 -22.35 16.42 3.66
CA TYR B 8 -22.41 16.61 2.21
C TYR B 8 -21.10 17.16 1.67
N GLN B 9 -20.50 18.12 2.38
CA GLN B 9 -19.19 18.63 1.99
C GLN B 9 -18.16 17.51 1.94
N ASP B 10 -18.19 16.63 2.95
CA ASP B 10 -17.25 15.52 3.01
C ASP B 10 -17.47 14.57 1.85
N LEU B 11 -18.73 14.28 1.53
CA LEU B 11 -19.03 13.37 0.43
C LEU B 11 -18.53 13.93 -0.89
N GLN B 12 -18.73 15.24 -1.12
CA GLN B 12 -18.25 15.85 -2.35
C GLN B 12 -16.73 15.80 -2.40
N ARG B 13 -16.07 16.05 -1.26
CA ARG B 13 -14.61 15.97 -1.21
C ARG B 13 -14.10 14.59 -1.58
N GLU B 14 -14.68 13.55 -0.99
CA GLU B 14 -14.28 12.17 -1.30
C GLU B 14 -14.50 11.86 -2.78
N VAL B 15 -15.63 12.30 -3.34
CA VAL B 15 -15.88 11.99 -4.74
C VAL B 15 -14.91 12.75 -5.64
N GLY B 16 -14.51 13.97 -5.24
CA GLY B 16 -13.50 14.69 -6.01
C GLY B 16 -12.16 13.99 -5.95
N SER B 17 -11.86 13.36 -4.82
CA SER B 17 -10.63 12.60 -4.73
C SER B 17 -10.67 11.37 -5.62
N LEU B 18 -11.84 10.72 -5.72
CA LEU B 18 -11.97 9.61 -6.65
C LEU B 18 -11.78 10.08 -8.09
N LYS B 19 -12.29 11.26 -8.43
CA LYS B 19 -12.10 11.81 -9.78
C LYS B 19 -10.60 12.02 -10.07
N GLU B 20 -9.88 12.61 -9.11
CA GLU B 20 -8.45 12.83 -9.29
C GLU B 20 -7.69 11.51 -9.41
N ILE B 21 -8.06 10.53 -8.57
CA ILE B 21 -7.41 9.22 -8.62
C ILE B 21 -7.60 8.59 -9.99
N ASN B 22 -8.82 8.66 -10.53
CA ASN B 22 -9.07 8.09 -11.85
C ASN B 22 -8.21 8.76 -12.92
N PHE B 23 -8.07 10.09 -12.86
CA PHE B 23 -7.23 10.74 -13.85
C PHE B 23 -5.77 10.26 -13.74
N MET B 24 -5.26 10.15 -12.51
CA MET B 24 -3.89 9.69 -12.33
C MET B 24 -3.71 8.26 -12.81
N LEU B 25 -4.70 7.40 -12.57
CA LEU B 25 -4.57 6.03 -13.05
C LEU B 25 -4.56 5.98 -14.57
N SER B 26 -5.35 6.85 -15.22
CA SER B 26 -5.30 6.94 -16.68
C SER B 26 -3.89 7.28 -17.16
N VAL B 27 -3.30 8.33 -16.57
CA VAL B 27 -1.95 8.75 -16.93
C VAL B 27 -0.96 7.62 -16.73
N LEU B 28 -1.01 6.97 -15.57
CA LEU B 28 0.01 5.98 -15.24
C LEU B 28 -0.13 4.72 -16.07
N GLN B 29 -1.37 4.30 -16.33
CA GLN B 29 -1.59 3.14 -17.20
C GLN B 29 -1.06 3.42 -18.59
N LYS B 30 -1.22 4.65 -19.08
CA LYS B 30 -0.65 4.98 -20.39
C LYS B 30 0.87 4.92 -20.35
N GLU B 31 1.46 5.39 -19.24
CA GLU B 31 2.91 5.26 -19.08
C GLU B 31 3.35 3.81 -19.18
N PHE B 32 2.58 2.90 -18.58
CA PHE B 32 2.99 1.49 -18.61
C PHE B 32 2.72 0.82 -19.96
N LEU B 33 1.70 1.25 -20.69
CA LEU B 33 1.52 0.76 -22.05
C LEU B 33 2.69 1.17 -22.95
N HIS B 34 3.06 2.44 -22.89
CA HIS B 34 4.24 2.91 -23.62
C HIS B 34 5.49 2.13 -23.22
N LEU B 35 5.68 1.95 -21.91
CA LEU B 35 6.82 1.19 -21.40
C LEU B 35 6.84 -0.23 -21.96
N SER B 36 5.67 -0.89 -22.02
CA SER B 36 5.61 -2.24 -22.59
C SER B 36 6.00 -2.23 -24.05
N LYS B 37 5.68 -1.15 -24.76
CA LYS B 37 6.10 -1.09 -26.16
C LYS B 37 7.60 -0.89 -26.29
N GLU B 38 8.22 -0.17 -25.36
CA GLU B 38 9.67 0.05 -25.46
C GLU B 38 10.44 -1.25 -25.37
N PHE B 39 10.00 -2.17 -24.50
CA PHE B 39 10.74 -3.44 -24.27
C PHE B 39 9.87 -4.67 -24.57
N ALA B 40 9.02 -4.60 -25.61
CA ALA B 40 8.10 -5.72 -25.89
C ALA B 40 8.87 -7.02 -26.19
N THR B 41 9.90 -6.97 -27.03
CA THR B 41 10.65 -8.21 -27.34
C THR B 41 11.35 -8.70 -26.07
N THR B 42 11.95 -7.75 -25.33
CA THR B 42 12.69 -8.02 -24.08
C THR B 42 11.78 -8.52 -22.95
N SER B 43 10.58 -7.95 -22.79
CA SER B 43 9.76 -8.40 -21.62
C SER B 43 8.28 -8.68 -21.87
N LYS B 44 7.84 -9.84 -21.39
CA LYS B 44 6.46 -10.31 -21.23
C LYS B 44 5.68 -9.54 -20.18
N ASP B 45 6.30 -9.49 -19.00
CA ASP B 45 5.64 -8.98 -17.81
C ASP B 45 5.19 -7.55 -18.00
N LEU B 46 5.90 -6.75 -18.80
CA LEU B 46 5.47 -5.35 -18.95
C LEU B 46 4.13 -5.26 -19.66
N SER B 47 3.90 -6.10 -20.69
CA SER B 47 2.58 -6.15 -21.32
C SER B 47 1.53 -6.59 -20.31
N ALA B 48 1.88 -7.58 -19.48
CA ALA B 48 0.94 -8.02 -18.45
C ALA B 48 0.62 -6.89 -17.46
N VAL B 49 1.64 -6.12 -17.06
CA VAL B 49 1.45 -5.02 -16.11
C VAL B 49 0.52 -3.97 -16.71
N SER B 50 0.74 -3.63 -17.98
CA SER B 50 -0.12 -2.62 -18.61
C SER B 50 -1.57 -3.07 -18.68
N GLN B 51 -1.75 -4.32 -19.10
CA GLN B 51 -3.10 -4.94 -19.23
C GLN B 51 -3.81 -4.94 -17.88
N ASP B 52 -3.13 -5.36 -16.82
CA ASP B 52 -3.73 -5.38 -15.49
C ASP B 52 -4.15 -3.99 -15.04
N PHE B 53 -3.31 -2.97 -15.30
CA PHE B 53 -3.72 -1.61 -14.95
C PHE B 53 -4.89 -1.13 -15.80
N TYR B 54 -4.97 -1.59 -17.06
CA TYR B 54 -6.12 -1.26 -17.92
C TYR B 54 -7.43 -1.77 -17.32
N SER B 55 -7.42 -3.05 -16.91
CA SER B 55 -8.61 -3.62 -16.26
C SER B 55 -8.93 -2.89 -14.96
N CYS B 56 -7.89 -2.49 -14.23
CA CYS B 56 -8.08 -1.65 -13.06
C CYS B 56 -8.80 -0.35 -13.43
N LEU B 57 -8.40 0.26 -14.55
CA LEU B 57 -8.99 1.55 -14.92
C LEU B 57 -10.46 1.39 -15.27
N GLN B 58 -10.82 0.27 -15.92
CA GLN B 58 -12.23 0.03 -16.19
C GLN B 58 -13.03 -0.04 -14.88
N ALA B 59 -12.50 -0.80 -13.90
CA ALA B 59 -13.18 -0.92 -12.61
C ALA B 59 -13.29 0.44 -11.90
N PHE B 60 -12.24 1.25 -11.95
CA PHE B 60 -12.24 2.55 -11.28
C PHE B 60 -13.26 3.50 -11.90
N ARG B 61 -13.32 3.55 -13.24
CA ARG B 61 -14.30 4.43 -13.88
C ARG B 61 -15.74 3.99 -13.57
N ASP B 62 -15.98 2.67 -13.63
CA ASP B 62 -17.29 2.15 -13.27
C ASP B 62 -17.68 2.51 -11.85
N ASN B 63 -16.71 2.51 -10.92
CA ASN B 63 -17.07 2.81 -9.54
C ASN B 63 -17.31 4.31 -9.34
N TYR B 64 -16.56 5.14 -10.07
CA TYR B 64 -16.73 6.58 -9.94
C TYR B 64 -18.13 6.99 -10.40
N LYS B 65 -18.64 6.37 -11.46
CA LYS B 65 -20.00 6.69 -11.92
C LYS B 65 -21.00 6.55 -10.77
N GLY B 66 -20.92 5.45 -10.03
CA GLY B 66 -21.84 5.23 -8.93
C GLY B 66 -21.71 6.26 -7.83
N PHE B 67 -20.48 6.68 -7.52
CA PHE B 67 -20.35 7.66 -6.43
C PHE B 67 -20.85 9.04 -6.83
N GLU B 68 -20.63 9.47 -8.08
CA GLU B 68 -21.23 10.72 -8.52
C GLU B 68 -22.76 10.65 -8.45
N SER B 69 -23.34 9.51 -8.84
CA SER B 69 -24.79 9.35 -8.74
C SER B 69 -25.27 9.44 -7.29
N LEU B 70 -24.52 8.85 -6.36
CA LEU B 70 -24.87 8.93 -4.95
C LEU B 70 -24.85 10.37 -4.44
N LEU B 71 -23.83 11.14 -4.84
CA LEU B 71 -23.81 12.55 -4.46
C LEU B 71 -25.06 13.27 -4.96
N ASP B 72 -25.45 12.98 -6.20
CA ASP B 72 -26.69 13.57 -6.74
C ASP B 72 -27.89 13.18 -5.88
N GLU B 73 -27.98 11.91 -5.49
CA GLU B 73 -29.08 11.46 -4.64
C GLU B 73 -29.09 12.17 -3.29
N TYR B 74 -27.91 12.37 -2.69
CA TYR B 74 -27.85 13.00 -1.38
C TYR B 74 -28.28 14.46 -1.42
N LYS B 75 -27.94 15.19 -2.48
CA LYS B 75 -28.25 16.63 -2.47
C LYS B 75 -29.74 16.90 -2.25
N ASN B 76 -30.60 16.29 -3.07
CA ASN B 76 -32.05 16.49 -2.97
C ASN B 76 -32.69 15.21 -2.42
N SER B 77 -32.76 15.12 -1.10
CA SER B 77 -33.12 13.88 -0.43
C SER B 77 -33.98 14.17 0.80
N THR B 78 -34.61 13.12 1.31
CA THR B 78 -35.32 13.17 2.58
C THR B 78 -34.36 12.78 3.71
N GLU B 79 -34.77 13.08 4.95
CA GLU B 79 -33.94 12.71 6.08
C GLU B 79 -33.80 11.19 6.19
N GLU B 80 -34.83 10.44 5.82
CA GLU B 80 -34.71 8.99 5.87
C GLU B 80 -33.68 8.51 4.86
N MET B 81 -33.58 9.19 3.71
CA MET B 81 -32.55 8.86 2.75
C MET B 81 -31.17 9.24 3.28
N ARG B 82 -31.02 10.45 3.82
CA ARG B 82 -29.74 10.88 4.35
C ARG B 82 -29.26 9.98 5.48
N LYS B 83 -30.21 9.39 6.21
CA LYS B 83 -29.88 8.53 7.34
C LYS B 83 -29.17 7.27 6.88
N LEU B 84 -29.37 6.87 5.62
CA LEU B 84 -28.66 5.73 5.05
C LEU B 84 -27.16 5.99 4.91
N PHE B 85 -26.74 7.26 4.83
CA PHE B 85 -25.32 7.58 4.72
C PHE B 85 -24.73 7.61 6.13
N SER B 86 -24.59 6.41 6.71
CA SER B 86 -24.18 6.27 8.10
C SER B 86 -22.72 6.65 8.32
N GLN B 87 -22.36 6.79 9.59
CA GLN B 87 -20.99 7.11 9.96
C GLN B 87 -20.04 5.97 9.60
N GLU B 88 -20.47 4.73 9.81
CA GLU B 88 -19.70 3.57 9.41
C GLU B 88 -19.34 3.64 7.94
N ILE B 89 -20.33 3.90 7.09
CA ILE B 89 -20.11 3.89 5.65
C ILE B 89 -19.20 5.05 5.25
N ILE B 90 -19.40 6.23 5.86
CA ILE B 90 -18.54 7.36 5.53
C ILE B 90 -17.09 7.05 5.88
N ALA B 91 -16.87 6.40 7.03
CA ALA B 91 -15.51 6.05 7.42
C ALA B 91 -14.89 5.02 6.47
N ASP B 92 -15.68 4.02 6.06
CA ASP B 92 -15.18 3.04 5.09
C ASP B 92 -14.81 3.71 3.78
N LEU B 93 -15.69 4.61 3.30
CA LEU B 93 -15.41 5.39 2.11
C LEU B 93 -14.08 6.14 2.24
N LYS B 94 -13.92 6.89 3.34
CA LYS B 94 -12.71 7.69 3.55
C LYS B 94 -11.48 6.81 3.57
N GLY B 95 -11.57 5.65 4.17
CA GLY B 95 -10.36 4.87 4.31
C GLY B 95 -9.95 4.20 3.01
N SER B 96 -10.92 3.81 2.17
CA SER B 96 -10.56 3.30 0.85
C SER B 96 -10.03 4.41 -0.06
N VAL B 97 -10.63 5.60 0.02
CA VAL B 97 -10.17 6.71 -0.81
C VAL B 97 -8.74 7.12 -0.43
N ALA B 98 -8.47 7.22 0.88
CA ALA B 98 -7.12 7.56 1.32
C ALA B 98 -6.10 6.49 0.92
N SER B 99 -6.48 5.22 1.07
CA SER B 99 -5.58 4.13 0.68
C SER B 99 -5.24 4.21 -0.80
N LEU B 100 -6.26 4.43 -1.63
CA LEU B 100 -6.04 4.59 -3.07
C LEU B 100 -5.14 5.78 -3.39
N ARG B 101 -5.38 6.93 -2.75
CA ARG B 101 -4.55 8.10 -3.00
C ARG B 101 -3.09 7.79 -2.74
N GLU B 102 -2.82 7.15 -1.61
CA GLU B 102 -1.43 6.83 -1.28
C GLU B 102 -0.84 5.80 -2.24
N GLU B 103 -1.64 4.81 -2.65
CA GLU B 103 -1.12 3.81 -3.58
C GLU B 103 -0.77 4.44 -4.92
N ILE B 104 -1.60 5.36 -5.41
CA ILE B 104 -1.30 6.07 -6.66
C ILE B 104 -0.03 6.89 -6.50
N ARG B 105 0.13 7.54 -5.33
CA ARG B 105 1.38 8.26 -5.04
C ARG B 105 2.59 7.34 -5.14
N PHE B 106 2.50 6.14 -4.58
CA PHE B 106 3.62 5.21 -4.60
C PHE B 106 3.90 4.75 -6.03
N LEU B 107 2.84 4.58 -6.82
CA LEU B 107 2.99 4.05 -8.18
C LEU B 107 3.58 5.10 -9.12
N THR B 108 3.36 6.38 -8.84
CA THR B 108 3.65 7.43 -9.81
C THR B 108 5.06 7.40 -10.40
N PRO B 109 6.15 7.34 -9.61
CA PRO B 109 7.49 7.34 -10.21
C PRO B 109 7.98 5.96 -10.67
N LEU B 110 7.20 4.90 -10.53
CA LEU B 110 7.73 3.56 -10.76
C LEU B 110 7.93 3.22 -12.24
N ALA B 111 7.12 3.76 -13.14
CA ALA B 111 7.30 3.48 -14.57
C ALA B 111 8.66 3.96 -15.05
N GLU B 112 9.04 5.18 -14.65
CA GLU B 112 10.36 5.70 -15.01
C GLU B 112 11.49 4.87 -14.39
N GLU B 113 11.28 4.34 -13.17
CA GLU B 113 12.30 3.49 -12.57
C GLU B 113 12.44 2.16 -13.32
N VAL B 114 11.31 1.58 -13.75
CA VAL B 114 11.38 0.36 -14.54
C VAL B 114 12.12 0.64 -15.85
N ARG B 115 11.84 1.80 -16.43
CA ARG B 115 12.49 2.22 -17.69
C ARG B 115 14.01 2.27 -17.46
N ARG B 116 14.43 2.83 -16.32
CA ARG B 116 15.87 2.97 -15.99
C ARG B 116 16.53 1.58 -15.90
N LEU B 117 15.95 0.66 -15.14
CA LEU B 117 16.50 -0.70 -14.94
C LEU B 117 16.60 -1.43 -16.29
N ALA B 118 15.55 -1.37 -17.09
CA ALA B 118 15.52 -2.05 -18.42
C ALA B 118 16.60 -1.46 -19.31
N HIS B 119 16.80 -0.15 -19.30
CA HIS B 119 17.84 0.50 -20.14
C HIS B 119 19.22 0.05 -19.68
N ASN B 120 19.41 -0.16 -18.37
CA ASN B 120 20.73 -0.57 -17.82
C ASN B 120 20.81 -2.09 -17.66
N GLN B 121 19.92 -2.82 -18.35
CA GLN B 121 19.92 -4.31 -18.38
C GLN B 121 19.89 -4.88 -16.97
N GLN B 122 19.18 -4.21 -16.06
CA GLN B 122 19.07 -4.71 -14.66
C GLN B 122 17.86 -5.62 -14.53
N SER B 123 17.88 -6.50 -13.52
CA SER B 123 16.77 -7.43 -13.29
C SER B 123 15.48 -6.68 -12.96
N LEU B 124 14.38 -7.12 -13.56
CA LEU B 124 13.07 -6.53 -13.30
C LEU B 124 12.20 -7.36 -12.38
N THR B 125 12.71 -8.47 -11.84
CA THR B 125 11.87 -9.40 -11.10
C THR B 125 11.26 -8.73 -9.88
N ALA B 126 12.08 -8.02 -9.09
CA ALA B 126 11.54 -7.35 -7.90
C ALA B 126 10.57 -6.24 -8.28
N ALA B 127 10.88 -5.47 -9.32
CA ALA B 127 9.96 -4.42 -9.77
C ALA B 127 8.62 -5.01 -10.18
N ILE B 128 8.65 -6.11 -10.93
CA ILE B 128 7.40 -6.76 -11.36
C ILE B 128 6.61 -7.27 -10.15
N GLU B 129 7.30 -7.87 -9.18
CA GLU B 129 6.60 -8.33 -7.98
C GLU B 129 5.94 -7.16 -7.24
N GLU B 130 6.66 -6.03 -7.16
CA GLU B 130 6.14 -4.83 -6.52
C GLU B 130 4.90 -4.31 -7.23
N LEU B 131 4.94 -4.32 -8.57
CA LEU B 131 3.80 -3.88 -9.36
C LEU B 131 2.62 -4.82 -9.22
N LYS B 132 2.87 -6.13 -9.10
CA LYS B 132 1.79 -7.07 -8.85
C LYS B 132 1.09 -6.75 -7.53
N THR B 133 1.88 -6.48 -6.48
CA THR B 133 1.28 -6.13 -5.20
C THR B 133 0.50 -4.82 -5.28
N ILE B 134 1.01 -3.83 -6.02
CA ILE B 134 0.27 -2.58 -6.19
C ILE B 134 -1.06 -2.84 -6.91
N ARG B 135 -1.02 -3.65 -7.97
CA ARG B 135 -2.25 -4.01 -8.68
C ARG B 135 -3.26 -4.63 -7.72
N ASP B 136 -2.82 -5.59 -6.91
CA ASP B 136 -3.70 -6.25 -5.94
C ASP B 136 -4.29 -5.23 -4.97
N SER B 137 -3.49 -4.26 -4.53
CA SER B 137 -3.98 -3.25 -3.60
C SER B 137 -5.09 -2.41 -4.23
N LEU B 138 -4.86 -1.94 -5.46
CA LEU B 138 -5.87 -1.15 -6.14
C LEU B 138 -7.15 -1.94 -6.32
N ARG B 139 -7.03 -3.21 -6.72
CA ARG B 139 -8.20 -4.07 -6.87
C ARG B 139 -8.94 -4.24 -5.56
N ASP B 140 -8.21 -4.48 -4.45
CA ASP B 140 -8.86 -4.66 -3.15
C ASP B 140 -9.68 -3.44 -2.76
N GLU B 141 -9.07 -2.26 -2.79
CA GLU B 141 -9.78 -1.09 -2.29
C GLU B 141 -10.91 -0.67 -3.23
N ILE B 142 -10.70 -0.75 -4.55
CA ILE B 142 -11.82 -0.41 -5.43
C ILE B 142 -12.94 -1.42 -5.29
N GLY B 143 -12.64 -2.70 -5.00
CA GLY B 143 -13.70 -3.67 -4.79
C GLY B 143 -14.50 -3.36 -3.54
N GLN B 144 -13.81 -2.92 -2.49
CA GLN B 144 -14.53 -2.48 -1.29
C GLN B 144 -15.45 -1.31 -1.60
N LEU B 145 -14.94 -0.32 -2.35
CA LEU B 145 -15.76 0.84 -2.70
C LEU B 145 -16.94 0.46 -3.57
N SER B 146 -16.72 -0.42 -4.55
CA SER B 146 -17.80 -0.88 -5.42
C SER B 146 -18.90 -1.58 -4.62
N GLN B 147 -18.53 -2.46 -3.70
CA GLN B 147 -19.53 -3.12 -2.88
C GLN B 147 -20.29 -2.11 -2.02
N LEU B 148 -19.56 -1.18 -1.40
CA LEU B 148 -20.22 -0.13 -0.63
C LEU B 148 -21.27 0.60 -1.46
N SER B 149 -20.86 1.06 -2.64
CA SER B 149 -21.79 1.75 -3.54
C SER B 149 -22.99 0.87 -3.89
N LYS B 150 -22.77 -0.41 -4.15
CA LYS B 150 -23.87 -1.28 -4.56
C LYS B 150 -24.90 -1.42 -3.45
N THR B 151 -24.44 -1.71 -2.23
CA THR B 151 -25.35 -1.84 -1.10
C THR B 151 -26.11 -0.54 -0.86
N LEU B 152 -25.39 0.58 -0.80
CA LEU B 152 -26.02 1.87 -0.55
C LEU B 152 -27.04 2.20 -1.65
N THR B 153 -26.69 1.93 -2.91
CA THR B 153 -27.57 2.23 -4.02
C THR B 153 -28.86 1.41 -3.95
N SER B 154 -28.76 0.14 -3.55
CA SER B 154 -29.97 -0.65 -3.38
C SER B 154 -30.86 -0.07 -2.27
N GLN B 155 -30.24 0.36 -1.16
CA GLN B 155 -31.04 0.97 -0.10
C GLN B 155 -31.73 2.25 -0.59
N ILE B 156 -31.01 3.05 -1.38
CA ILE B 156 -31.56 4.28 -1.95
C ILE B 156 -32.76 3.97 -2.84
N ALA B 157 -32.61 2.98 -3.72
CA ALA B 157 -33.70 2.63 -4.64
C ALA B 157 -34.93 2.20 -3.87
N LEU B 158 -34.76 1.44 -2.80
CA LEU B 158 -35.94 1.00 -2.00
C LEU B 158 -36.61 2.24 -1.40
N GLN B 159 -35.84 3.15 -0.84
CA GLN B 159 -36.40 4.39 -0.22
C GLN B 159 -37.14 5.19 -1.29
N ARG B 160 -36.59 5.29 -2.50
CA ARG B 160 -37.24 6.04 -3.61
C ARG B 160 -38.61 5.40 -3.90
N LYS B 161 -38.65 4.09 -4.00
CA LYS B 161 -39.93 3.37 -4.27
C LYS B 161 -40.90 3.65 -3.12
N LEU B 162 -40.39 3.58 -1.90
CA LEU B 162 -41.22 3.81 -0.68
C LEU B 162 -41.78 5.23 -0.73
N GLU B 163 -41.00 6.21 -1.16
CA GLU B 163 -41.56 7.55 -1.18
C GLU B 163 -42.55 7.74 -2.33
N HIS B 164 -42.33 7.07 -3.46
CA HIS B 164 -43.30 7.20 -4.54
C HIS B 164 -44.61 6.50 -4.20
N HIS B 165 -44.54 5.36 -3.49
CA HIS B 165 -45.78 4.65 -3.15
C HIS B 165 -46.62 5.47 -2.18
N HIS B 166 -45.98 6.32 -1.38
CA HIS B 166 -46.66 7.18 -0.42
C HIS B 166 -47.39 8.32 -1.09
NA NA C . -9.10 -6.04 5.35
NA NA D . 19.67 -5.17 13.41
#